data_9C4Z
#
_entry.id   9C4Z
#
_cell.length_a   48.729
_cell.length_b   79.937
_cell.length_c   124.71
_cell.angle_alpha   90
_cell.angle_beta   90
_cell.angle_gamma   90
#
_symmetry.space_group_name_H-M   'P 21 21 21'
#
loop_
_entity.id
_entity.type
_entity.pdbx_description
1 polymer Menin
2 non-polymer DI(HYDROXYETHYL)ETHER
3 non-polymer 'SULFATE ION'
4 non-polymer 'TETRAETHYLENE GLYCOL'
5 non-polymer 1,2-ETHANEDIOL
6 water water
#
_entity_poly.entity_id   1
_entity_poly.type   'polypeptide(L)'
_entity_poly.pdbx_seq_one_letter_code
;GGSSSMGLKAAQKTLFPLRSIDDVVRLFAAELGREEPDLVLLSLVLGFVEHFLAVNRVGLTYFPVADLSIIAALYARFTA
QIRGAVDLSLYPREGGVSSRELVKKVSDVIWNSLSRSYFKDRAHIQSLFSFITGTKLDSSGVAFAVVGACQALGLRDVHL
ALSEDHAWVVFGPNGEQTAEVTWHGKGNEDRRGQTVNAGVAERSWLYLKGSYMRCDRKMEVAFMVCAINPSIDLHTDSLE
LLQLQQKLLWLLYDLGHLERYPMALGNLADLEELEPTPGRPDPLTLYHKGIASAKTYYRDEHIYPYMYLADYHCRNRNVR
EALQAWADTATVIQDYNYCREDEEIYKEFFEVANDVIPNLLKEAASLLEAGSQGSALQDPECFAHLLRFYDGICKWEEGS
PTPVLHVGWATFLVQSLGRFEGQVRQKVRIVSVPAPAASPPPEGPVLTFQSEKMKGMKELLVATKINSSAIKLQLTAQSQ
VQMKKQKVS
;
_entity_poly.pdbx_strand_id   A
#
loop_
_chem_comp.id
_chem_comp.type
_chem_comp.name
_chem_comp.formula
EDO non-polymer 1,2-ETHANEDIOL 'C2 H6 O2'
PEG non-polymer DI(HYDROXYETHYL)ETHER 'C4 H10 O3'
PG4 non-polymer 'TETRAETHYLENE GLYCOL' 'C8 H18 O5'
SO4 non-polymer 'SULFATE ION' 'O4 S -2'
#
# COMPACT_ATOMS: atom_id res chain seq x y z
N GLY A 7 30.43 11.93 -7.49
CA GLY A 7 31.32 11.26 -6.52
C GLY A 7 30.74 11.19 -5.11
N LEU A 8 30.95 10.06 -4.43
CA LEU A 8 30.75 9.98 -2.98
C LEU A 8 31.72 10.94 -2.31
N LYS A 9 31.23 11.59 -1.28
CA LYS A 9 32.02 12.55 -0.54
C LYS A 9 32.73 11.87 0.61
N ALA A 10 33.85 12.48 1.07
CA ALA A 10 34.63 11.88 2.12
C ALA A 10 33.83 11.54 3.37
N ALA A 11 32.94 12.45 3.78
CA ALA A 11 32.16 12.32 5.00
C ALA A 11 31.17 11.18 4.92
N GLN A 12 30.81 10.81 3.68
CA GLN A 12 29.87 9.72 3.52
C GLN A 12 30.56 8.38 3.67
N LYS A 13 31.90 8.36 3.71
CA LYS A 13 32.66 7.12 3.62
C LYS A 13 33.20 6.61 4.95
N THR A 14 33.15 7.43 6.01
CA THR A 14 33.88 7.21 7.24
C THR A 14 33.34 6.03 8.05
N LEU A 15 32.06 5.65 7.88
CA LEU A 15 31.52 4.57 8.68
C LEU A 15 31.84 3.18 8.10
N PHE A 16 32.35 3.13 6.89
CA PHE A 16 32.61 1.84 6.29
C PHE A 16 33.87 1.23 6.91
N PRO A 17 34.02 -0.10 6.97
CA PRO A 17 33.02 -1.07 6.51
C PRO A 17 31.82 -1.21 7.44
N LEU A 18 30.64 -1.54 6.87
CA LEU A 18 29.47 -1.78 7.68
C LEU A 18 29.45 -3.24 8.06
N ARG A 19 29.54 -3.53 9.35
CA ARG A 19 29.76 -4.90 9.77
C ARG A 19 28.56 -5.50 10.48
N SER A 20 27.46 -4.72 10.63
CA SER A 20 26.31 -5.16 11.39
C SER A 20 25.08 -4.35 10.97
N ILE A 21 23.93 -4.85 11.44
CA ILE A 21 22.67 -4.10 11.36
C ILE A 21 22.86 -2.70 11.92
N ASP A 22 23.45 -2.60 13.11
CA ASP A 22 23.53 -1.30 13.75
C ASP A 22 24.44 -0.36 12.97
N ASP A 23 25.47 -0.89 12.28
CA ASP A 23 26.31 -0.05 11.44
C ASP A 23 25.49 0.50 10.25
N VAL A 24 24.65 -0.35 9.67
CA VAL A 24 23.75 0.17 8.63
C VAL A 24 22.84 1.31 9.14
N VAL A 25 22.28 1.11 10.33
CA VAL A 25 21.45 2.13 10.96
C VAL A 25 22.26 3.41 11.15
N ARG A 26 23.54 3.30 11.59
CA ARG A 26 24.35 4.50 11.75
C ARG A 26 24.49 5.25 10.43
N LEU A 27 24.66 4.55 9.31
CA LEU A 27 24.83 5.19 8.04
C LEU A 27 23.55 5.94 7.67
N PHE A 28 22.39 5.27 7.84
CA PHE A 28 21.11 5.94 7.61
C PHE A 28 20.99 7.18 8.51
N ALA A 29 21.36 7.06 9.79
CA ALA A 29 21.27 8.25 10.67
C ALA A 29 22.17 9.37 10.16
N ALA A 30 23.35 9.04 9.66
CA ALA A 30 24.26 10.08 9.22
C ALA A 30 23.70 10.72 7.97
N GLU A 31 23.18 9.89 7.03
CA GLU A 31 22.66 10.48 5.83
C GLU A 31 21.40 11.32 6.08
N LEU A 32 20.55 10.88 7.00
CA LEU A 32 19.35 11.65 7.32
C LEU A 32 19.68 12.95 8.05
N GLY A 33 20.91 13.08 8.55
CA GLY A 33 21.34 14.32 9.18
C GLY A 33 21.96 15.28 8.17
N ARG A 34 22.16 14.85 6.92
CA ARG A 34 22.70 15.71 5.89
C ARG A 34 21.58 16.47 5.20
N GLU A 35 21.98 17.51 4.45
CA GLU A 35 21.02 18.36 3.78
C GLU A 35 20.09 17.50 2.92
N GLU A 36 20.65 16.58 2.12
CA GLU A 36 19.97 15.70 1.18
C GLU A 36 20.52 14.27 1.35
N PRO A 37 19.82 13.33 2.03
CA PRO A 37 20.32 11.95 2.10
C PRO A 37 20.54 11.43 0.69
N ASP A 38 21.60 10.59 0.52
CA ASP A 38 22.01 10.09 -0.76
C ASP A 38 21.28 8.80 -1.09
N LEU A 39 20.23 8.95 -1.94
CA LEU A 39 19.36 7.82 -2.22
C LEU A 39 20.08 6.66 -2.89
N VAL A 40 21.03 6.98 -3.78
CA VAL A 40 21.80 5.95 -4.50
C VAL A 40 22.66 5.16 -3.53
N LEU A 41 23.37 5.85 -2.62
CA LEU A 41 24.20 5.15 -1.64
C LEU A 41 23.33 4.21 -0.81
N LEU A 42 22.23 4.74 -0.30
CA LEU A 42 21.41 4.01 0.66
C LEU A 42 20.75 2.80 0.01
N SER A 43 20.23 2.95 -1.21
CA SER A 43 19.58 1.85 -1.90
C SER A 43 20.60 0.76 -2.25
N LEU A 44 21.81 1.15 -2.64
CA LEU A 44 22.83 0.15 -2.97
C LEU A 44 23.18 -0.61 -1.70
N VAL A 45 23.37 0.07 -0.57
CA VAL A 45 23.63 -0.64 0.69
C VAL A 45 22.54 -1.60 1.05
N LEU A 46 21.29 -1.14 1.05
CA LEU A 46 20.19 -2.03 1.40
C LEU A 46 20.13 -3.23 0.46
N GLY A 47 20.25 -2.95 -0.83
CA GLY A 47 20.16 -4.08 -1.77
C GLY A 47 21.31 -5.09 -1.65
N PHE A 48 22.52 -4.59 -1.37
CA PHE A 48 23.66 -5.46 -1.08
C PHE A 48 23.32 -6.36 0.11
N VAL A 49 22.87 -5.79 1.23
N VAL A 49 22.94 -5.72 1.22
CA VAL A 49 22.70 -6.65 2.40
CA VAL A 49 22.64 -6.44 2.45
C VAL A 49 21.49 -7.55 2.22
C VAL A 49 21.55 -7.47 2.19
N GLU A 50 20.45 -7.07 1.54
CA GLU A 50 19.32 -7.92 1.24
C GLU A 50 19.73 -9.09 0.36
N HIS A 51 20.60 -8.85 -0.63
CA HIS A 51 21.07 -9.93 -1.52
C HIS A 51 21.73 -11.04 -0.68
N PHE A 52 22.62 -10.64 0.24
CA PHE A 52 23.39 -11.63 1.01
C PHE A 52 22.67 -12.11 2.25
N LEU A 53 21.51 -11.57 2.59
CA LEU A 53 20.72 -12.09 3.70
C LEU A 53 19.49 -12.84 3.23
N ALA A 54 18.96 -12.56 2.03
CA ALA A 54 17.74 -13.19 1.55
C ALA A 54 17.92 -13.97 0.25
N VAL A 55 18.74 -13.50 -0.71
CA VAL A 55 18.82 -14.14 -2.00
C VAL A 55 19.84 -15.25 -1.95
N ASN A 56 21.00 -15.01 -1.37
CA ASN A 56 22.08 -15.98 -1.31
C ASN A 56 22.79 -15.85 0.03
N ARG A 57 22.46 -16.77 0.95
CA ARG A 57 23.08 -16.78 2.28
C ARG A 57 24.26 -17.74 2.39
N VAL A 58 24.79 -18.22 1.25
CA VAL A 58 25.94 -19.11 1.32
C VAL A 58 27.12 -18.39 1.94
N GLY A 59 27.68 -19.02 2.99
CA GLY A 59 28.85 -18.48 3.65
C GLY A 59 28.50 -17.42 4.73
N LEU A 60 27.22 -17.09 4.92
CA LEU A 60 26.89 -16.11 5.96
C LEU A 60 27.23 -16.68 7.34
N THR A 61 27.85 -15.84 8.17
CA THR A 61 28.14 -16.26 9.55
C THR A 61 27.56 -15.28 10.57
N TYR A 62 27.24 -14.05 10.15
CA TYR A 62 26.59 -13.11 11.05
C TYR A 62 25.93 -12.01 10.22
N PHE A 63 26.75 -11.28 9.46
CA PHE A 63 26.24 -10.14 8.69
C PHE A 63 27.13 -9.98 7.47
N PRO A 64 26.55 -9.68 6.29
CA PRO A 64 27.38 -9.50 5.09
C PRO A 64 28.10 -8.16 5.14
N VAL A 65 29.38 -8.17 5.49
CA VAL A 65 30.13 -6.95 5.63
C VAL A 65 30.12 -6.19 4.30
N ALA A 66 29.74 -4.92 4.39
CA ALA A 66 29.74 -4.04 3.23
C ALA A 66 30.99 -3.17 3.25
N ASP A 67 31.93 -3.56 2.40
CA ASP A 67 33.17 -2.83 2.25
C ASP A 67 32.96 -1.61 1.38
N LEU A 68 33.66 -0.53 1.72
CA LEU A 68 33.62 0.66 0.89
C LEU A 68 34.01 0.37 -0.54
N SER A 69 35.06 -0.43 -0.81
CA SER A 69 35.46 -0.68 -2.19
C SER A 69 34.33 -1.26 -3.04
N ILE A 70 33.57 -2.18 -2.46
CA ILE A 70 32.45 -2.83 -3.14
C ILE A 70 31.31 -1.82 -3.41
N ILE A 71 30.91 -1.11 -2.37
CA ILE A 71 29.79 -0.19 -2.50
C ILE A 71 30.17 0.97 -3.40
N ALA A 72 31.37 1.52 -3.23
CA ALA A 72 31.80 2.59 -4.11
C ALA A 72 31.87 2.19 -5.57
N ALA A 73 32.30 0.97 -5.88
CA ALA A 73 32.34 0.51 -7.26
C ALA A 73 30.92 0.39 -7.81
N LEU A 74 29.96 -0.11 -7.03
CA LEU A 74 28.58 -0.16 -7.52
C LEU A 74 28.00 1.24 -7.75
N TYR A 75 28.33 2.17 -6.85
CA TYR A 75 27.92 3.57 -6.95
C TYR A 75 28.46 4.20 -8.22
N ALA A 76 29.77 3.95 -8.48
CA ALA A 76 30.37 4.44 -9.71
C ALA A 76 29.76 3.86 -10.98
N ARG A 77 29.34 2.57 -10.96
N ARG A 77 29.40 2.59 -10.99
CA ARG A 77 28.66 1.91 -12.06
CA ARG A 77 28.73 2.10 -12.18
C ARG A 77 27.34 2.63 -12.40
C ARG A 77 27.48 2.96 -12.38
N PHE A 78 26.64 3.06 -11.33
CA PHE A 78 25.39 3.81 -11.49
C PHE A 78 25.61 5.22 -12.00
N THR A 79 26.47 5.99 -11.34
CA THR A 79 26.64 7.38 -11.75
C THR A 79 27.24 7.44 -13.16
N ALA A 80 28.09 6.49 -13.54
CA ALA A 80 28.69 6.51 -14.87
C ALA A 80 27.63 6.27 -15.93
N GLN A 81 26.75 5.30 -15.68
CA GLN A 81 25.65 4.94 -16.56
C GLN A 81 24.75 6.17 -16.77
N ILE A 82 24.39 6.86 -15.69
CA ILE A 82 23.44 7.97 -15.77
C ILE A 82 24.11 9.19 -16.40
N ARG A 83 25.27 9.58 -15.94
CA ARG A 83 25.94 10.74 -16.53
C ARG A 83 26.16 10.52 -18.03
N GLY A 84 26.62 9.33 -18.43
CA GLY A 84 26.94 9.09 -19.83
C GLY A 84 25.71 9.16 -20.75
N ALA A 85 24.54 8.67 -20.27
CA ALA A 85 23.37 8.52 -21.11
C ALA A 85 22.46 9.77 -21.07
N VAL A 86 22.52 10.57 -19.99
CA VAL A 86 21.75 11.80 -19.86
C VAL A 86 22.72 13.01 -19.98
N ASP A 87 22.71 13.67 -21.12
CA ASP A 87 23.40 14.92 -21.31
C ASP A 87 22.52 16.11 -20.90
N LEU A 88 22.80 16.75 -19.75
CA LEU A 88 22.02 17.86 -19.20
C LEU A 88 22.03 19.11 -20.06
N SER A 89 23.10 19.33 -20.86
CA SER A 89 23.18 20.50 -21.72
C SER A 89 22.05 20.50 -22.73
N LEU A 90 21.50 19.30 -22.96
CA LEU A 90 20.47 19.19 -23.95
C LEU A 90 19.18 19.75 -23.38
N TYR A 91 19.08 19.83 -22.03
CA TYR A 91 17.86 20.13 -21.29
C TYR A 91 18.09 21.26 -20.29
N PRO A 92 18.26 22.52 -20.77
CA PRO A 92 18.58 23.65 -19.88
C PRO A 92 17.55 23.80 -18.76
N ARG A 93 18.00 24.15 -17.54
CA ARG A 93 17.12 24.26 -16.39
C ARG A 93 16.87 25.71 -16.01
N GLU A 94 15.67 26.23 -16.31
CA GLU A 94 15.25 27.52 -15.76
C GLU A 94 14.88 27.35 -14.29
N GLY A 95 15.37 28.23 -13.43
CA GLY A 95 14.73 28.51 -12.13
C GLY A 95 14.95 27.41 -11.10
N GLY A 96 16.01 26.62 -11.27
CA GLY A 96 16.25 25.48 -10.41
C GLY A 96 15.20 24.39 -10.62
N VAL A 97 14.55 24.34 -11.80
CA VAL A 97 13.58 23.27 -12.01
C VAL A 97 13.76 22.53 -13.33
N SER A 98 13.31 21.26 -13.28
CA SER A 98 13.49 20.31 -14.36
C SER A 98 12.35 20.39 -15.36
N SER A 99 12.59 19.93 -16.58
CA SER A 99 11.62 19.92 -17.66
C SER A 99 11.03 18.52 -17.79
N ARG A 100 9.88 18.45 -18.43
CA ARG A 100 9.24 17.18 -18.71
C ARG A 100 10.14 16.35 -19.60
N GLU A 101 10.80 16.97 -20.58
CA GLU A 101 11.65 16.17 -21.46
C GLU A 101 12.84 15.53 -20.73
N LEU A 102 13.40 16.23 -19.78
CA LEU A 102 14.54 15.72 -18.99
C LEU A 102 14.06 14.55 -18.15
N VAL A 103 12.89 14.67 -17.52
CA VAL A 103 12.35 13.59 -16.70
C VAL A 103 12.09 12.38 -17.59
N LYS A 104 11.52 12.57 -18.78
CA LYS A 104 11.30 11.49 -19.72
C LYS A 104 12.62 10.85 -20.14
N LYS A 105 13.66 11.65 -20.36
CA LYS A 105 14.94 11.07 -20.77
C LYS A 105 15.48 10.16 -19.67
N VAL A 106 15.43 10.61 -18.43
CA VAL A 106 15.90 9.79 -17.34
C VAL A 106 15.11 8.49 -17.28
N SER A 107 13.77 8.56 -17.38
CA SER A 107 12.94 7.37 -17.36
C SER A 107 13.31 6.43 -18.48
N ASP A 108 13.60 6.96 -19.67
CA ASP A 108 13.98 6.15 -20.80
C ASP A 108 15.32 5.45 -20.57
N VAL A 109 16.27 6.16 -19.98
CA VAL A 109 17.58 5.59 -19.68
C VAL A 109 17.42 4.39 -18.73
N ILE A 110 16.64 4.50 -17.67
CA ILE A 110 16.45 3.38 -16.76
C ILE A 110 15.71 2.25 -17.45
N TRP A 111 14.58 2.53 -18.10
CA TRP A 111 13.81 1.53 -18.82
C TRP A 111 14.65 0.75 -19.81
N ASN A 112 15.38 1.47 -20.65
CA ASN A 112 16.14 0.84 -21.73
C ASN A 112 17.28 -0.04 -21.19
N SER A 113 17.69 0.13 -19.92
CA SER A 113 18.79 -0.64 -19.30
C SER A 113 18.31 -2.02 -18.85
N LEU A 114 17.01 -2.22 -18.75
CA LEU A 114 16.47 -3.42 -18.14
C LEU A 114 16.57 -4.61 -19.09
N SER A 115 16.71 -5.79 -18.49
CA SER A 115 16.67 -7.06 -19.22
C SER A 115 15.40 -7.12 -20.04
N ARG A 116 15.51 -7.71 -21.24
CA ARG A 116 14.45 -7.68 -22.23
C ARG A 116 13.21 -8.38 -21.70
N SER A 117 13.45 -9.51 -21.02
CA SER A 117 12.37 -10.38 -20.60
C SER A 117 12.72 -10.95 -19.23
N TYR A 118 11.82 -10.75 -18.26
CA TYR A 118 11.99 -11.31 -16.93
C TYR A 118 10.67 -11.19 -16.17
N PHE A 119 10.55 -11.93 -15.06
CA PHE A 119 9.36 -11.88 -14.22
C PHE A 119 9.39 -10.62 -13.36
N LYS A 120 8.40 -9.74 -13.57
CA LYS A 120 8.42 -8.40 -13.02
C LYS A 120 7.90 -8.31 -11.59
N ASP A 121 7.35 -9.40 -11.06
CA ASP A 121 6.77 -9.38 -9.72
C ASP A 121 7.60 -10.23 -8.75
N ARG A 122 8.81 -10.61 -9.15
CA ARG A 122 9.73 -11.34 -8.30
C ARG A 122 10.16 -10.47 -7.11
N ALA A 123 10.57 -11.12 -6.03
CA ALA A 123 11.13 -10.49 -4.86
C ALA A 123 12.54 -10.03 -5.16
N HIS A 124 12.99 -9.01 -4.45
CA HIS A 124 14.36 -8.59 -4.42
C HIS A 124 14.82 -7.96 -5.73
N ILE A 125 13.89 -7.32 -6.48
CA ILE A 125 14.26 -6.56 -7.68
C ILE A 125 13.79 -5.11 -7.54
N GLN A 126 13.89 -4.58 -6.33
CA GLN A 126 13.36 -3.25 -6.01
C GLN A 126 14.47 -2.21 -5.95
N SER A 127 15.69 -2.64 -5.65
CA SER A 127 16.79 -1.75 -5.27
C SER A 127 17.73 -1.41 -6.44
N LEU A 128 18.57 -0.39 -6.24
CA LEU A 128 19.61 -0.11 -7.23
C LEU A 128 20.64 -1.24 -7.31
N PHE A 129 20.80 -2.02 -6.26
CA PHE A 129 21.68 -3.18 -6.36
C PHE A 129 21.16 -4.16 -7.42
N SER A 130 19.85 -4.40 -7.47
CA SER A 130 19.24 -5.25 -8.48
C SER A 130 19.42 -4.61 -9.87
N PHE A 131 19.17 -3.32 -10.00
CA PHE A 131 19.36 -2.61 -11.27
C PHE A 131 20.76 -2.83 -11.81
N ILE A 132 21.79 -2.63 -10.96
CA ILE A 132 23.17 -2.69 -11.45
C ILE A 132 23.59 -4.14 -11.70
N THR A 133 23.33 -5.04 -10.79
CA THR A 133 23.91 -6.39 -10.86
C THR A 133 23.09 -7.34 -11.72
N GLY A 134 21.79 -7.11 -11.84
CA GLY A 134 20.87 -7.99 -12.54
C GLY A 134 20.11 -7.33 -13.68
N THR A 135 20.27 -6.00 -13.85
CA THR A 135 19.49 -5.23 -14.82
C THR A 135 18.01 -5.53 -14.73
N LYS A 136 17.49 -5.67 -13.49
CA LYS A 136 16.08 -5.95 -13.23
C LYS A 136 15.57 -5.01 -12.16
N LEU A 137 14.39 -4.46 -12.44
CA LEU A 137 13.59 -3.65 -11.52
C LEU A 137 12.12 -4.02 -11.62
N ASP A 138 11.45 -3.94 -10.47
CA ASP A 138 9.97 -3.99 -10.45
C ASP A 138 9.44 -2.58 -10.75
N SER A 139 8.10 -2.46 -10.86
CA SER A 139 7.49 -1.24 -11.35
C SER A 139 7.85 -0.03 -10.51
N SER A 140 7.64 -0.07 -9.20
CA SER A 140 7.96 1.10 -8.39
C SER A 140 9.46 1.25 -8.24
N GLY A 141 10.22 0.15 -8.39
CA GLY A 141 11.67 0.26 -8.43
C GLY A 141 12.19 1.14 -9.58
N VAL A 142 11.52 1.10 -10.73
CA VAL A 142 11.89 2.00 -11.82
C VAL A 142 11.65 3.45 -11.41
N ALA A 143 10.50 3.74 -10.80
CA ALA A 143 10.21 5.08 -10.35
C ALA A 143 11.26 5.56 -9.35
N PHE A 144 11.62 4.74 -8.36
CA PHE A 144 12.63 5.11 -7.37
C PHE A 144 13.96 5.36 -8.09
N ALA A 145 14.32 4.50 -9.03
CA ALA A 145 15.61 4.63 -9.72
C ALA A 145 15.67 5.95 -10.54
N VAL A 146 14.53 6.36 -11.10
CA VAL A 146 14.47 7.65 -11.79
C VAL A 146 14.75 8.79 -10.81
N VAL A 147 14.15 8.77 -9.62
CA VAL A 147 14.36 9.79 -8.61
C VAL A 147 15.82 9.76 -8.12
N GLY A 148 16.38 8.57 -7.91
CA GLY A 148 17.78 8.49 -7.48
C GLY A 148 18.74 9.00 -8.56
N ALA A 149 18.47 8.67 -9.81
CA ALA A 149 19.25 9.21 -10.93
C ALA A 149 19.14 10.73 -10.95
N CYS A 150 17.93 11.27 -10.82
CA CYS A 150 17.74 12.71 -10.89
C CYS A 150 18.47 13.38 -9.74
N GLN A 151 18.48 12.83 -8.54
CA GLN A 151 19.22 13.40 -7.44
C GLN A 151 20.72 13.41 -7.79
N ALA A 152 21.23 12.32 -8.33
CA ALA A 152 22.66 12.21 -8.64
C ALA A 152 23.03 13.27 -9.68
N LEU A 153 22.13 13.62 -10.58
CA LEU A 153 22.33 14.66 -11.61
C LEU A 153 22.15 16.08 -11.08
N GLY A 154 21.72 16.28 -9.83
CA GLY A 154 21.55 17.58 -9.20
C GLY A 154 20.15 18.18 -9.39
N LEU A 155 19.18 17.34 -9.74
CA LEU A 155 17.82 17.77 -10.01
C LEU A 155 16.97 17.69 -8.73
N ARG A 156 17.08 18.69 -7.87
CA ARG A 156 16.59 18.63 -6.51
C ARG A 156 15.05 18.60 -6.51
N ASP A 157 14.41 19.03 -7.62
CA ASP A 157 12.95 19.16 -7.66
C ASP A 157 12.24 17.86 -8.03
N VAL A 158 12.94 16.84 -8.48
CA VAL A 158 12.28 15.61 -8.92
C VAL A 158 12.09 14.73 -7.69
N HIS A 159 10.84 14.36 -7.41
CA HIS A 159 10.50 13.60 -6.21
C HIS A 159 9.52 12.46 -6.54
N LEU A 160 9.55 11.45 -5.69
CA LEU A 160 8.67 10.29 -5.82
C LEU A 160 7.25 10.62 -5.38
N ALA A 161 6.30 10.20 -6.20
CA ALA A 161 4.89 10.30 -5.88
C ALA A 161 4.34 8.85 -5.80
N LEU A 162 3.45 8.61 -4.81
CA LEU A 162 2.97 7.27 -4.50
C LEU A 162 1.47 7.30 -4.25
N SER A 163 0.76 6.39 -4.91
CA SER A 163 -0.60 6.05 -4.48
C SER A 163 -0.52 4.75 -3.68
N GLU A 164 -1.65 4.08 -3.51
CA GLU A 164 -1.62 2.82 -2.80
C GLU A 164 -1.31 1.66 -3.77
N ASP A 165 -1.26 1.90 -5.07
CA ASP A 165 -0.97 0.84 -6.02
C ASP A 165 -0.06 1.25 -7.16
N HIS A 166 0.56 2.42 -7.07
CA HIS A 166 1.38 2.91 -8.19
C HIS A 166 2.34 4.00 -7.73
N ALA A 167 3.33 4.30 -8.60
CA ALA A 167 4.38 5.29 -8.31
C ALA A 167 4.65 6.08 -9.59
N TRP A 168 4.96 7.35 -9.42
CA TRP A 168 5.35 8.21 -10.54
C TRP A 168 6.25 9.29 -9.94
N VAL A 169 6.45 10.41 -10.66
CA VAL A 169 7.21 11.52 -10.11
C VAL A 169 6.52 12.86 -10.19
N VAL A 170 6.89 13.74 -9.26
CA VAL A 170 6.49 15.14 -9.34
C VAL A 170 7.77 15.94 -9.60
N PHE A 171 7.63 17.12 -10.20
CA PHE A 171 8.78 17.95 -10.53
C PHE A 171 8.28 19.32 -10.95
N GLY A 172 9.25 20.18 -11.33
CA GLY A 172 8.95 21.38 -12.10
C GLY A 172 8.64 22.52 -11.14
N PRO A 173 8.07 23.63 -11.68
CA PRO A 173 7.76 24.81 -10.88
C PRO A 173 6.87 24.46 -9.72
N ASN A 174 7.32 24.81 -8.50
CA ASN A 174 6.59 24.54 -7.28
C ASN A 174 6.28 23.04 -7.08
N GLY A 175 7.01 22.16 -7.76
CA GLY A 175 6.77 20.71 -7.71
C GLY A 175 5.37 20.31 -8.16
N GLU A 176 4.76 21.12 -9.02
N GLU A 176 4.74 21.12 -9.00
CA GLU A 176 3.36 20.98 -9.36
CA GLU A 176 3.34 20.92 -9.36
C GLU A 176 3.10 20.11 -10.59
C GLU A 176 3.11 19.99 -10.54
N GLN A 177 4.14 19.74 -11.35
CA GLN A 177 4.01 18.81 -12.46
C GLN A 177 4.05 17.36 -12.02
N THR A 178 3.32 16.53 -12.76
CA THR A 178 3.43 15.09 -12.58
C THR A 178 3.85 14.44 -13.88
N ALA A 179 4.65 13.35 -13.78
CA ALA A 179 4.98 12.51 -14.92
C ALA A 179 4.97 11.04 -14.55
N GLU A 180 4.35 10.25 -15.42
CA GLU A 180 4.52 8.82 -15.41
C GLU A 180 5.93 8.48 -15.84
N VAL A 181 6.54 7.52 -15.13
CA VAL A 181 7.90 7.08 -15.42
C VAL A 181 8.03 5.58 -15.44
N THR A 182 7.00 4.82 -15.07
CA THR A 182 7.04 3.36 -15.03
C THR A 182 5.71 2.81 -15.52
N TRP A 183 5.60 1.50 -15.59
CA TRP A 183 4.38 0.83 -15.94
C TRP A 183 3.50 0.63 -14.71
N HIS A 184 2.22 0.36 -14.96
CA HIS A 184 1.30 -0.02 -13.90
C HIS A 184 0.64 -1.34 -14.24
N GLY A 185 0.74 -2.30 -13.34
CA GLY A 185 0.10 -3.56 -13.50
C GLY A 185 0.62 -4.33 -14.71
N LYS A 186 -0.24 -5.23 -15.17
CA LYS A 186 0.02 -6.18 -16.24
C LYS A 186 -1.04 -5.90 -17.29
N GLY A 187 -0.62 -5.59 -18.51
CA GLY A 187 -1.53 -5.53 -19.64
C GLY A 187 -2.27 -4.21 -19.71
N ASN A 188 -1.73 -3.19 -19.03
CA ASN A 188 -2.32 -1.89 -19.13
C ASN A 188 -1.55 -1.06 -20.15
N GLU A 189 -2.19 0.04 -20.56
CA GLU A 189 -1.67 0.99 -21.52
C GLU A 189 -0.66 1.87 -20.81
N ASP A 190 0.57 1.79 -21.31
CA ASP A 190 1.68 2.63 -20.91
C ASP A 190 1.37 4.11 -21.10
N ARG A 191 1.70 4.95 -20.10
CA ARG A 191 1.45 6.39 -20.21
C ARG A 191 2.71 7.19 -19.85
N ARG A 192 3.92 6.62 -19.99
CA ARG A 192 5.17 7.24 -19.61
C ARG A 192 5.31 8.63 -20.26
N GLY A 193 5.64 9.61 -19.43
CA GLY A 193 5.83 10.98 -19.87
C GLY A 193 4.61 11.86 -19.65
N GLN A 194 3.45 11.24 -19.45
CA GLN A 194 2.19 11.96 -19.31
C GLN A 194 1.92 12.33 -17.87
N THR A 195 1.03 13.30 -17.67
N THR A 195 1.08 13.33 -17.68
CA THR A 195 0.55 13.64 -16.34
CA THR A 195 0.57 13.69 -16.37
C THR A 195 -0.34 12.53 -15.81
C THR A 195 -0.38 12.60 -15.84
N VAL A 196 -0.71 12.69 -14.55
CA VAL A 196 -1.69 11.84 -13.93
C VAL A 196 -3.07 12.50 -13.82
N ASN A 197 -3.26 13.67 -14.46
CA ASN A 197 -4.45 14.48 -14.23
C ASN A 197 -5.71 13.83 -14.79
N ALA A 198 -5.69 13.01 -15.85
CA ALA A 198 -6.89 12.31 -16.29
C ALA A 198 -7.36 11.34 -15.23
N GLY A 199 -6.37 10.63 -14.63
CA GLY A 199 -6.73 9.65 -13.62
C GLY A 199 -7.27 10.25 -12.33
N VAL A 200 -6.72 11.41 -11.95
CA VAL A 200 -7.26 12.17 -10.84
C VAL A 200 -8.69 12.62 -11.15
N ALA A 201 -8.91 13.14 -12.35
CA ALA A 201 -10.24 13.64 -12.74
C ALA A 201 -11.28 12.53 -12.79
N GLU A 202 -10.91 11.30 -13.13
CA GLU A 202 -11.93 10.26 -13.16
C GLU A 202 -12.22 9.63 -11.81
N ARG A 203 -11.58 10.09 -10.74
CA ARG A 203 -11.86 9.69 -9.38
C ARG A 203 -11.62 8.20 -9.17
N SER A 204 -10.61 7.66 -9.84
CA SER A 204 -10.17 6.29 -9.63
C SER A 204 -9.44 6.14 -8.29
N TRP A 205 -9.48 4.95 -7.69
CA TRP A 205 -8.61 4.66 -6.55
C TRP A 205 -7.12 4.80 -6.90
N LEU A 206 -6.76 4.44 -8.11
CA LEU A 206 -5.36 4.39 -8.50
C LEU A 206 -4.67 5.72 -8.21
N TYR A 207 -5.37 6.85 -8.45
CA TYR A 207 -4.76 8.19 -8.27
C TYR A 207 -5.28 8.92 -7.06
N LEU A 208 -6.14 8.28 -6.26
CA LEU A 208 -6.53 8.73 -4.93
C LEU A 208 -7.22 10.10 -5.00
N LYS A 209 -7.87 10.47 -6.14
CA LYS A 209 -8.54 11.76 -6.26
C LYS A 209 -7.54 12.90 -6.03
N GLY A 210 -6.25 12.63 -6.27
CA GLY A 210 -5.19 13.60 -6.08
C GLY A 210 -4.58 13.62 -4.69
N SER A 211 -5.11 12.84 -3.76
CA SER A 211 -4.65 12.79 -2.39
C SER A 211 -3.57 11.71 -2.23
N TYR A 212 -2.61 11.72 -3.15
CA TYR A 212 -1.48 10.80 -3.13
C TYR A 212 -0.28 11.44 -2.43
N MET A 213 0.70 10.62 -2.16
CA MET A 213 1.88 11.07 -1.43
C MET A 213 2.85 11.79 -2.39
N ARG A 214 3.33 12.95 -1.96
CA ARG A 214 4.34 13.73 -2.68
C ARG A 214 5.56 13.74 -1.78
N CYS A 215 6.54 12.86 -2.03
CA CYS A 215 7.64 12.66 -1.09
C CYS A 215 8.64 13.82 -1.12
N ASP A 216 9.17 14.13 0.04
CA ASP A 216 10.47 14.81 0.13
C ASP A 216 11.58 13.74 0.16
N ARG A 217 12.85 14.16 0.26
CA ARG A 217 13.92 13.21 0.24
C ARG A 217 13.87 12.26 1.42
N LYS A 218 13.42 12.73 2.57
CA LYS A 218 13.39 11.87 3.74
C LYS A 218 12.36 10.75 3.55
N MET A 219 11.18 11.10 3.01
CA MET A 219 10.17 10.15 2.70
C MET A 219 10.62 9.15 1.62
N GLU A 220 11.50 9.57 0.70
CA GLU A 220 12.04 8.62 -0.28
C GLU A 220 12.96 7.60 0.42
N VAL A 221 13.67 8.05 1.47
CA VAL A 221 14.36 7.10 2.32
C VAL A 221 13.37 6.13 2.96
N ALA A 222 12.29 6.64 3.53
CA ALA A 222 11.25 5.78 4.14
C ALA A 222 10.73 4.76 3.12
N PHE A 223 10.52 5.19 1.87
CA PHE A 223 10.03 4.29 0.85
C PHE A 223 10.99 3.10 0.67
N MET A 224 12.30 3.40 0.52
CA MET A 224 13.25 2.30 0.29
C MET A 224 13.29 1.35 1.49
N VAL A 225 13.14 1.91 2.70
CA VAL A 225 13.11 1.05 3.87
C VAL A 225 11.87 0.16 3.88
N CYS A 226 10.71 0.74 3.62
CA CYS A 226 9.50 -0.08 3.48
C CYS A 226 9.67 -1.15 2.38
N ALA A 227 10.47 -0.83 1.37
CA ALA A 227 10.63 -1.71 0.22
C ALA A 227 11.57 -2.88 0.52
N ILE A 228 12.31 -2.86 1.63
CA ILE A 228 13.09 -4.02 2.03
C ILE A 228 12.16 -5.25 2.07
N ASN A 229 12.67 -6.35 1.50
CA ASN A 229 11.91 -7.60 1.42
C ASN A 229 12.67 -8.71 2.17
N PRO A 230 12.23 -9.01 3.42
CA PRO A 230 12.91 -10.04 4.21
C PRO A 230 12.68 -11.48 3.75
N SER A 231 11.77 -11.71 2.80
N SER A 231 11.88 -11.69 2.70
CA SER A 231 11.37 -13.07 2.47
CA SER A 231 11.51 -13.04 2.29
C SER A 231 12.51 -13.83 1.80
C SER A 231 12.73 -13.80 1.81
N ILE A 232 12.93 -14.99 2.39
CA ILE A 232 13.91 -15.88 1.81
C ILE A 232 13.19 -16.84 0.88
N ASP A 233 12.04 -17.35 1.34
CA ASP A 233 11.15 -18.21 0.56
C ASP A 233 9.74 -18.08 1.13
N LEU A 234 8.78 -18.89 0.59
CA LEU A 234 7.38 -18.76 0.97
C LEU A 234 7.18 -19.05 2.46
N HIS A 235 8.11 -19.79 3.09
CA HIS A 235 7.94 -20.17 4.50
C HIS A 235 8.94 -19.54 5.46
N THR A 236 9.86 -18.69 4.98
CA THR A 236 10.96 -18.24 5.81
C THR A 236 11.28 -16.79 5.53
N ASP A 237 11.43 -16.01 6.59
CA ASP A 237 11.89 -14.64 6.48
C ASP A 237 13.24 -14.53 7.17
N SER A 238 14.09 -13.61 6.69
CA SER A 238 15.35 -13.25 7.30
C SER A 238 15.08 -12.43 8.58
N LEU A 239 15.46 -12.98 9.74
CA LEU A 239 15.33 -12.23 10.98
C LEU A 239 16.20 -10.97 10.96
N GLU A 240 17.33 -11.04 10.27
CA GLU A 240 18.29 -9.95 10.20
C GLU A 240 17.64 -8.79 9.43
N LEU A 241 17.01 -9.09 8.30
CA LEU A 241 16.35 -8.04 7.53
C LEU A 241 15.14 -7.49 8.25
N LEU A 242 14.36 -8.34 8.95
CA LEU A 242 13.22 -7.84 9.71
C LEU A 242 13.73 -6.84 10.74
N GLN A 243 14.78 -7.20 11.50
CA GLN A 243 15.34 -6.32 12.53
C GLN A 243 15.82 -5.01 11.89
N LEU A 244 16.55 -5.10 10.77
CA LEU A 244 17.06 -3.92 10.08
C LEU A 244 15.92 -3.01 9.69
N GLN A 245 14.90 -3.56 9.05
CA GLN A 245 13.78 -2.76 8.61
C GLN A 245 13.09 -2.08 9.79
N GLN A 246 12.89 -2.83 10.87
CA GLN A 246 12.23 -2.30 12.06
C GLN A 246 13.05 -1.15 12.67
N LYS A 247 14.35 -1.37 12.86
CA LYS A 247 15.20 -0.33 13.43
C LYS A 247 15.21 0.92 12.57
N LEU A 248 15.28 0.78 11.23
CA LEU A 248 15.32 1.93 10.34
C LEU A 248 13.97 2.66 10.32
N LEU A 249 12.89 1.90 10.42
CA LEU A 249 11.58 2.58 10.54
C LEU A 249 11.47 3.34 11.86
N TRP A 250 12.00 2.82 12.99
CA TRP A 250 11.92 3.61 14.22
C TRP A 250 12.81 4.85 14.12
N LEU A 251 13.97 4.76 13.46
CA LEU A 251 14.83 5.90 13.24
C LEU A 251 14.05 6.99 12.50
N LEU A 252 13.41 6.61 11.37
CA LEU A 252 12.61 7.53 10.60
C LEU A 252 11.45 8.09 11.43
N TYR A 253 10.77 7.24 12.19
CA TYR A 253 9.66 7.64 13.02
C TYR A 253 10.07 8.76 14.01
N ASP A 254 11.23 8.55 14.68
CA ASP A 254 11.72 9.46 15.71
C ASP A 254 12.11 10.80 15.11
N LEU A 255 12.51 10.82 13.85
CA LEU A 255 12.92 12.03 13.17
C LEU A 255 11.74 12.80 12.59
N GLY A 256 10.55 12.15 12.55
CA GLY A 256 9.35 12.80 12.07
C GLY A 256 8.99 12.39 10.64
N HIS A 257 9.76 11.49 10.00
CA HIS A 257 9.66 11.28 8.57
C HIS A 257 8.60 10.23 8.19
N LEU A 258 7.91 9.65 9.16
CA LEU A 258 6.73 8.82 8.84
C LEU A 258 5.41 9.56 9.02
N GLU A 259 5.42 10.82 9.46
CA GLU A 259 4.21 11.54 9.82
C GLU A 259 3.20 11.55 8.69
N ARG A 260 3.67 11.64 7.44
CA ARG A 260 2.86 11.75 6.24
C ARG A 260 2.91 10.43 5.43
N TYR A 261 3.14 9.30 6.13
CA TYR A 261 3.35 8.04 5.43
C TYR A 261 2.53 6.94 6.11
N PRO A 262 1.19 6.92 5.85
CA PRO A 262 0.35 5.91 6.48
C PRO A 262 0.82 4.46 6.32
N MET A 263 1.21 4.06 5.11
CA MET A 263 1.58 2.67 4.89
C MET A 263 2.83 2.29 5.66
N ALA A 264 3.75 3.24 5.85
CA ALA A 264 4.94 2.95 6.65
C ALA A 264 4.61 2.68 8.12
N LEU A 265 3.66 3.45 8.62
CA LEU A 265 3.18 3.25 9.99
C LEU A 265 2.51 1.89 10.16
N GLY A 266 1.74 1.46 9.15
CA GLY A 266 1.15 0.14 9.17
C GLY A 266 2.23 -0.94 9.07
N ASN A 267 3.27 -0.75 8.24
CA ASN A 267 4.35 -1.72 8.13
C ASN A 267 5.06 -1.85 9.49
N LEU A 268 5.31 -0.73 10.17
CA LEU A 268 5.96 -0.76 11.46
C LEU A 268 5.07 -1.45 12.50
N ALA A 269 3.78 -1.20 12.48
CA ALA A 269 2.85 -1.87 13.38
C ALA A 269 2.96 -3.40 13.17
N ASP A 270 2.95 -3.83 11.90
CA ASP A 270 3.05 -5.24 11.55
C ASP A 270 4.33 -5.83 12.13
N LEU A 271 5.46 -5.09 12.09
CA LEU A 271 6.74 -5.58 12.54
C LEU A 271 6.76 -5.68 14.07
N GLU A 272 6.09 -4.73 14.73
CA GLU A 272 6.00 -4.74 16.19
C GLU A 272 5.13 -5.90 16.69
N GLU A 273 4.09 -6.27 15.94
CA GLU A 273 3.26 -7.41 16.32
C GLU A 273 4.09 -8.68 16.29
N LEU A 274 4.94 -8.80 15.27
CA LEU A 274 5.82 -9.96 15.09
C LEU A 274 6.87 -10.04 16.19
N GLU A 275 7.49 -8.90 16.54
CA GLU A 275 8.55 -8.88 17.52
C GLU A 275 8.57 -7.51 18.18
N PRO A 276 7.87 -7.33 19.32
CA PRO A 276 7.76 -6.02 19.95
C PRO A 276 9.06 -5.46 20.46
N THR A 277 9.27 -4.17 20.23
CA THR A 277 10.41 -3.45 20.77
C THR A 277 10.03 -2.90 22.14
N PRO A 278 10.75 -3.23 23.23
CA PRO A 278 10.42 -2.69 24.55
C PRO A 278 10.39 -1.18 24.56
N GLY A 279 9.33 -0.64 25.15
CA GLY A 279 9.23 0.79 25.34
C GLY A 279 8.52 1.50 24.20
N ARG A 280 8.13 0.77 23.15
CA ARG A 280 7.59 1.43 21.97
C ARG A 280 6.08 1.29 21.96
N PRO A 281 5.35 2.14 21.22
CA PRO A 281 3.91 1.99 21.06
C PRO A 281 3.48 0.61 20.60
N ASP A 282 2.31 0.19 21.06
CA ASP A 282 1.68 -1.04 20.63
C ASP A 282 1.32 -1.01 19.14
N PRO A 283 1.22 -2.19 18.50
CA PRO A 283 0.70 -2.29 17.13
C PRO A 283 -0.60 -1.49 16.94
N LEU A 284 -1.59 -1.66 17.84
CA LEU A 284 -2.86 -0.97 17.68
C LEU A 284 -2.65 0.54 17.59
N THR A 285 -1.80 1.09 18.48
CA THR A 285 -1.54 2.50 18.52
C THR A 285 -0.99 2.97 17.15
N LEU A 286 -0.08 2.16 16.60
CA LEU A 286 0.55 2.48 15.33
C LEU A 286 -0.42 2.39 14.15
N TYR A 287 -1.32 1.39 14.15
CA TYR A 287 -2.33 1.36 13.10
C TYR A 287 -3.22 2.60 13.17
N HIS A 288 -3.58 3.02 14.38
CA HIS A 288 -4.40 4.21 14.51
C HIS A 288 -3.64 5.48 14.06
N LYS A 289 -2.31 5.51 14.35
CA LYS A 289 -1.51 6.64 13.85
C LYS A 289 -1.50 6.70 12.31
N GLY A 290 -1.49 5.50 11.67
CA GLY A 290 -1.54 5.48 10.21
C GLY A 290 -2.84 6.05 9.68
N ILE A 291 -3.97 5.68 10.35
CA ILE A 291 -5.28 6.25 10.02
C ILE A 291 -5.31 7.77 10.22
N ALA A 292 -4.75 8.21 11.36
CA ALA A 292 -4.71 9.62 11.68
C ALA A 292 -3.88 10.40 10.65
N SER A 293 -2.78 9.79 10.18
CA SER A 293 -1.97 10.40 9.11
C SER A 293 -2.78 10.60 7.82
N ALA A 294 -3.57 9.55 7.46
CA ALA A 294 -4.40 9.63 6.27
C ALA A 294 -5.47 10.72 6.41
N LYS A 295 -6.07 10.80 7.60
CA LYS A 295 -7.10 11.81 7.82
C LYS A 295 -6.52 13.24 7.80
N THR A 296 -5.29 13.38 8.33
CA THR A 296 -4.68 14.69 8.47
C THR A 296 -4.15 15.22 7.14
N TYR A 297 -3.44 14.36 6.42
CA TYR A 297 -2.67 14.81 5.25
C TYR A 297 -3.31 14.43 3.90
N TYR A 298 -4.23 13.44 3.87
CA TYR A 298 -4.72 12.88 2.63
C TYR A 298 -6.24 12.83 2.65
N ARG A 299 -6.91 13.75 3.38
CA ARG A 299 -8.35 13.96 3.27
C ARG A 299 -9.11 12.67 3.62
N ASP A 300 -8.49 11.74 4.35
CA ASP A 300 -9.10 10.46 4.66
C ASP A 300 -9.53 9.70 3.41
N GLU A 301 -8.70 9.75 2.35
N GLU A 301 -8.71 9.76 2.35
CA GLU A 301 -9.03 9.15 1.07
CA GLU A 301 -9.05 9.14 1.09
C GLU A 301 -8.25 7.85 0.84
C GLU A 301 -8.22 7.88 0.82
N HIS A 302 -7.54 7.33 1.83
CA HIS A 302 -6.73 6.11 1.69
C HIS A 302 -7.50 4.92 2.25
N ILE A 303 -7.33 3.78 1.55
CA ILE A 303 -8.01 2.56 1.93
C ILE A 303 -7.22 1.69 2.89
N TYR A 304 -5.93 1.52 2.62
CA TYR A 304 -5.13 0.57 3.30
C TYR A 304 -4.97 0.86 4.80
N PRO A 305 -4.96 2.10 5.30
CA PRO A 305 -4.82 2.25 6.76
C PRO A 305 -5.89 1.46 7.53
N TYR A 306 -7.12 1.44 7.02
CA TYR A 306 -8.19 0.70 7.67
C TYR A 306 -8.07 -0.80 7.42
N MET A 307 -7.57 -1.20 6.25
N MET A 307 -7.61 -1.21 6.24
CA MET A 307 -7.29 -2.62 5.99
CA MET A 307 -7.44 -2.64 5.96
C MET A 307 -6.17 -3.12 6.90
C MET A 307 -6.41 -3.29 6.88
N TYR A 308 -5.17 -2.29 7.19
N TYR A 308 -5.24 -2.66 7.05
CA TYR A 308 -4.10 -2.74 8.07
CA TYR A 308 -4.27 -3.19 8.00
C TYR A 308 -4.69 -3.12 9.42
C TYR A 308 -4.85 -3.27 9.43
N LEU A 309 -5.58 -2.25 9.88
CA LEU A 309 -6.23 -2.35 11.19
C LEU A 309 -7.17 -3.54 11.23
N ALA A 310 -8.03 -3.67 10.21
CA ALA A 310 -8.95 -4.79 10.18
C ALA A 310 -8.22 -6.12 10.21
N ASP A 311 -7.14 -6.22 9.43
N ASP A 311 -7.13 -6.23 9.46
CA ASP A 311 -6.36 -7.46 9.33
CA ASP A 311 -6.39 -7.48 9.39
C ASP A 311 -5.74 -7.83 10.67
C ASP A 311 -5.85 -7.82 10.76
N TYR A 312 -5.31 -6.82 11.45
CA TYR A 312 -4.80 -7.05 12.80
C TYR A 312 -5.91 -7.65 13.68
N HIS A 313 -7.09 -7.03 13.67
CA HIS A 313 -8.20 -7.52 14.46
C HIS A 313 -8.63 -8.91 13.99
N CYS A 314 -8.63 -9.18 12.70
CA CYS A 314 -9.00 -10.49 12.17
C CYS A 314 -8.01 -11.55 12.68
N ARG A 315 -6.72 -11.28 12.62
CA ARG A 315 -5.69 -12.21 13.08
C ARG A 315 -5.90 -12.54 14.55
N ASN A 316 -6.36 -11.57 15.34
CA ASN A 316 -6.58 -11.68 16.76
C ASN A 316 -8.00 -12.16 17.03
N ARG A 317 -8.76 -12.52 15.97
CA ARG A 317 -10.13 -13.06 15.99
C ARG A 317 -11.05 -12.12 16.77
N ASN A 318 -10.71 -10.80 16.77
N ASN A 318 -10.87 -10.81 16.57
CA ASN A 318 -11.54 -9.71 17.26
CA ASN A 318 -11.66 -9.84 17.27
C ASN A 318 -12.59 -9.41 16.17
C ASN A 318 -12.71 -9.25 16.35
N VAL A 319 -13.76 -10.06 16.18
CA VAL A 319 -14.71 -9.95 15.08
C VAL A 319 -15.29 -8.54 15.07
N ARG A 320 -15.69 -8.05 16.23
CA ARG A 320 -16.33 -6.76 16.35
C ARG A 320 -15.45 -5.65 15.75
N GLU A 321 -14.18 -5.63 16.15
CA GLU A 321 -13.31 -4.55 15.76
C GLU A 321 -12.87 -4.70 14.30
N ALA A 322 -12.82 -5.93 13.81
CA ALA A 322 -12.47 -6.17 12.42
C ALA A 322 -13.62 -5.67 11.54
N LEU A 323 -14.87 -5.97 11.93
CA LEU A 323 -16.03 -5.52 11.19
C LEU A 323 -16.08 -4.00 11.19
N GLN A 324 -15.85 -3.36 12.33
CA GLN A 324 -15.81 -1.93 12.40
C GLN A 324 -14.80 -1.34 11.41
N ALA A 325 -13.60 -1.91 11.38
CA ALA A 325 -12.56 -1.40 10.52
C ALA A 325 -12.91 -1.62 9.05
N TRP A 326 -13.47 -2.77 8.71
CA TRP A 326 -13.90 -2.98 7.32
C TRP A 326 -15.09 -2.06 6.95
N ALA A 327 -16.01 -1.78 7.86
CA ALA A 327 -17.03 -0.77 7.59
C ALA A 327 -16.38 0.59 7.27
N ASP A 328 -15.37 0.97 8.05
CA ASP A 328 -14.67 2.21 7.82
C ASP A 328 -13.95 2.22 6.46
N THR A 329 -13.37 1.08 6.06
N THR A 329 -13.39 1.08 6.06
CA THR A 329 -12.73 0.96 4.76
CA THR A 329 -12.75 0.88 4.76
C THR A 329 -13.75 1.30 3.68
C THR A 329 -13.71 1.18 3.61
N ALA A 330 -14.92 0.63 3.76
CA ALA A 330 -15.96 0.85 2.76
C ALA A 330 -16.51 2.27 2.76
N THR A 331 -16.45 2.99 3.88
CA THR A 331 -16.88 4.37 3.92
C THR A 331 -15.90 5.24 3.12
N VAL A 332 -14.62 4.86 3.04
CA VAL A 332 -13.70 5.56 2.15
C VAL A 332 -13.98 5.26 0.69
N ILE A 333 -14.10 3.98 0.34
CA ILE A 333 -14.23 3.59 -1.06
C ILE A 333 -15.53 4.12 -1.70
N GLN A 334 -16.55 4.42 -0.92
CA GLN A 334 -17.85 4.81 -1.44
C GLN A 334 -17.76 6.06 -2.32
N ASP A 335 -16.77 6.94 -2.05
CA ASP A 335 -16.66 8.22 -2.73
C ASP A 335 -15.66 8.15 -3.87
N TYR A 336 -15.34 6.97 -4.38
CA TYR A 336 -14.53 6.72 -5.56
C TYR A 336 -15.40 6.17 -6.71
N ASN A 337 -14.90 6.26 -7.93
CA ASN A 337 -15.46 5.56 -9.07
C ASN A 337 -14.57 4.38 -9.38
N TYR A 338 -15.15 3.19 -9.55
CA TYR A 338 -14.39 2.00 -9.86
C TYR A 338 -13.97 2.00 -11.32
N CYS A 339 -12.68 2.17 -11.58
CA CYS A 339 -12.16 2.36 -12.93
C CYS A 339 -11.26 1.18 -13.34
N ARG A 340 -10.93 1.12 -14.63
CA ARG A 340 -10.27 0.00 -15.31
C ARG A 340 -8.92 -0.53 -14.79
N GLU A 341 -8.19 0.22 -14.01
CA GLU A 341 -6.88 -0.14 -13.46
C GLU A 341 -6.91 -0.19 -11.93
N ASP A 342 -8.14 -0.26 -11.36
CA ASP A 342 -8.33 -0.36 -9.92
C ASP A 342 -8.51 -1.80 -9.44
N GLU A 343 -8.20 -2.79 -10.26
CA GLU A 343 -8.54 -4.16 -9.92
C GLU A 343 -7.90 -4.68 -8.64
N GLU A 344 -6.77 -4.14 -8.16
N GLU A 344 -6.76 -4.14 -8.20
CA GLU A 344 -6.17 -4.64 -6.92
CA GLU A 344 -6.18 -4.61 -6.95
C GLU A 344 -7.04 -4.35 -5.69
C GLU A 344 -7.16 -4.41 -5.78
N ILE A 345 -7.75 -3.21 -5.69
CA ILE A 345 -8.61 -2.94 -4.54
C ILE A 345 -9.91 -3.71 -4.66
N TYR A 346 -10.42 -3.92 -5.87
CA TYR A 346 -11.57 -4.80 -6.05
C TYR A 346 -11.21 -6.17 -5.50
N LYS A 347 -10.06 -6.74 -5.85
CA LYS A 347 -9.66 -8.06 -5.35
C LYS A 347 -9.63 -8.09 -3.84
N GLU A 348 -9.16 -7.03 -3.18
CA GLU A 348 -9.12 -6.99 -1.74
C GLU A 348 -10.53 -6.96 -1.13
N PHE A 349 -11.39 -6.07 -1.62
CA PHE A 349 -12.75 -6.07 -1.14
C PHE A 349 -13.46 -7.43 -1.39
N PHE A 350 -13.25 -8.05 -2.54
CA PHE A 350 -13.84 -9.34 -2.87
C PHE A 350 -13.40 -10.41 -1.86
N GLU A 351 -12.10 -10.47 -1.57
CA GLU A 351 -11.61 -11.46 -0.63
C GLU A 351 -12.15 -11.20 0.79
N VAL A 352 -12.28 -9.94 1.21
CA VAL A 352 -12.84 -9.68 2.53
C VAL A 352 -14.31 -10.11 2.62
N ALA A 353 -15.14 -9.76 1.62
CA ALA A 353 -16.55 -10.05 1.66
C ALA A 353 -16.82 -11.53 1.48
N ASN A 354 -16.04 -12.16 0.61
CA ASN A 354 -16.40 -13.48 0.11
C ASN A 354 -15.51 -14.62 0.65
N ASP A 355 -14.54 -14.31 1.48
CA ASP A 355 -13.67 -15.33 2.07
C ASP A 355 -13.43 -15.01 3.55
N VAL A 356 -12.87 -13.84 3.84
CA VAL A 356 -12.39 -13.55 5.19
C VAL A 356 -13.56 -13.41 6.14
N ILE A 357 -14.53 -12.54 5.85
CA ILE A 357 -15.66 -12.36 6.74
C ILE A 357 -16.42 -13.67 6.86
N PRO A 358 -16.74 -14.43 5.79
CA PRO A 358 -17.38 -15.74 6.01
C PRO A 358 -16.65 -16.65 6.98
N ASN A 359 -15.35 -16.73 6.86
CA ASN A 359 -14.58 -17.62 7.74
C ASN A 359 -14.63 -17.13 9.18
N LEU A 360 -14.50 -15.83 9.40
CA LEU A 360 -14.60 -15.28 10.73
C LEU A 360 -15.96 -15.59 11.32
N LEU A 361 -17.06 -15.41 10.57
CA LEU A 361 -18.40 -15.59 11.14
C LEU A 361 -18.72 -17.07 11.33
N LYS A 362 -18.11 -17.95 10.53
CA LYS A 362 -18.31 -19.40 10.69
C LYS A 362 -17.75 -19.84 12.04
N GLU A 363 -16.54 -19.41 12.36
CA GLU A 363 -15.98 -19.73 13.67
C GLU A 363 -16.78 -19.06 14.80
N ALA A 364 -17.20 -17.80 14.59
CA ALA A 364 -18.01 -17.17 15.61
C ALA A 364 -19.29 -17.96 15.83
N ALA A 365 -19.92 -18.52 14.79
CA ALA A 365 -21.14 -19.28 14.93
C ALA A 365 -20.86 -20.53 15.81
N SER A 366 -19.75 -21.20 15.55
CA SER A 366 -19.41 -22.41 16.32
C SER A 366 -19.19 -22.06 17.78
N LEU A 367 -18.53 -20.93 18.06
CA LEU A 367 -18.25 -20.49 19.41
C LEU A 367 -19.53 -20.06 20.11
N LEU A 368 -20.48 -19.48 19.38
CA LEU A 368 -21.77 -19.12 19.96
C LEU A 368 -22.51 -20.39 20.37
N GLU A 369 -22.50 -21.43 19.52
CA GLU A 369 -23.13 -22.72 19.80
C GLU A 369 -22.53 -23.29 21.08
N ALA A 370 -21.23 -23.07 21.32
CA ALA A 370 -20.57 -23.52 22.53
C ALA A 370 -20.72 -22.57 23.72
N GLY A 371 -21.54 -21.55 23.60
CA GLY A 371 -21.96 -20.73 24.73
C GLY A 371 -21.13 -19.46 24.92
N SER A 372 -20.45 -18.94 23.89
CA SER A 372 -19.78 -17.68 24.01
C SER A 372 -20.75 -16.56 24.40
N GLN A 373 -20.19 -15.67 25.22
CA GLN A 373 -20.82 -14.45 25.68
C GLN A 373 -20.15 -13.25 25.04
N GLY A 374 -20.95 -12.20 24.85
CA GLY A 374 -20.53 -10.98 24.20
C GLY A 374 -20.21 -11.16 22.71
N SER A 375 -20.69 -12.25 22.09
CA SER A 375 -20.42 -12.60 20.69
C SER A 375 -20.81 -11.45 19.77
N ALA A 376 -19.99 -11.21 18.73
CA ALA A 376 -20.34 -10.23 17.71
C ALA A 376 -21.66 -10.65 17.08
N LEU A 377 -21.98 -11.94 17.07
CA LEU A 377 -23.19 -12.40 16.38
C LEU A 377 -24.46 -12.05 17.17
N GLN A 378 -24.27 -11.70 18.44
CA GLN A 378 -25.40 -11.21 19.25
C GLN A 378 -25.36 -9.73 19.50
N ASP A 379 -24.51 -8.99 18.77
CA ASP A 379 -24.32 -7.58 18.95
C ASP A 379 -24.91 -6.88 17.73
N PRO A 380 -26.03 -6.15 17.84
CA PRO A 380 -26.59 -5.46 16.68
C PRO A 380 -25.66 -4.42 16.09
N GLU A 381 -24.72 -3.84 16.88
CA GLU A 381 -23.77 -2.92 16.30
C GLU A 381 -22.87 -3.65 15.31
N CYS A 382 -22.55 -4.91 15.56
CA CYS A 382 -21.75 -5.68 14.61
C CYS A 382 -22.54 -5.99 13.34
N PHE A 383 -23.82 -6.32 13.46
CA PHE A 383 -24.63 -6.46 12.28
C PHE A 383 -24.60 -5.13 11.50
N ALA A 384 -24.73 -3.96 12.20
CA ALA A 384 -24.70 -2.68 11.51
C ALA A 384 -23.38 -2.49 10.77
N HIS A 385 -22.26 -2.92 11.37
CA HIS A 385 -20.98 -2.77 10.67
C HIS A 385 -20.96 -3.57 9.37
N LEU A 386 -21.51 -4.79 9.38
CA LEU A 386 -21.58 -5.62 8.22
C LEU A 386 -22.41 -4.95 7.13
N LEU A 387 -23.52 -4.34 7.54
CA LEU A 387 -24.37 -3.64 6.61
C LEU A 387 -23.67 -2.41 6.03
N ARG A 388 -22.94 -1.67 6.86
CA ARG A 388 -22.23 -0.47 6.40
C ARG A 388 -21.13 -0.83 5.42
N PHE A 389 -20.44 -1.96 5.63
CA PHE A 389 -19.46 -2.49 4.69
C PHE A 389 -20.12 -2.66 3.31
N TYR A 390 -21.22 -3.42 3.23
CA TYR A 390 -21.89 -3.61 1.96
C TYR A 390 -22.44 -2.32 1.39
N ASP A 391 -22.90 -1.39 2.23
CA ASP A 391 -23.43 -0.12 1.74
C ASP A 391 -22.35 0.67 1.00
N GLY A 392 -21.11 0.67 1.56
CA GLY A 392 -20.05 1.46 0.94
C GLY A 392 -19.65 0.86 -0.39
N ILE A 393 -19.64 -0.47 -0.48
CA ILE A 393 -19.29 -1.12 -1.74
C ILE A 393 -20.38 -0.82 -2.77
N CYS A 394 -21.64 -0.83 -2.37
CA CYS A 394 -22.72 -0.52 -3.30
C CYS A 394 -22.64 0.93 -3.75
N LYS A 395 -22.32 1.82 -2.84
CA LYS A 395 -22.21 3.24 -3.19
C LYS A 395 -21.00 3.49 -4.11
N TRP A 396 -19.87 2.83 -3.88
CA TRP A 396 -18.71 2.84 -4.76
C TRP A 396 -19.15 2.58 -6.18
N GLU A 397 -19.93 1.52 -6.39
CA GLU A 397 -20.39 1.12 -7.71
C GLU A 397 -21.24 2.19 -8.39
N GLU A 398 -21.98 3.00 -7.66
CA GLU A 398 -22.84 4.01 -8.27
C GLU A 398 -21.99 5.02 -9.03
N GLY A 399 -22.37 5.25 -10.28
CA GLY A 399 -21.64 6.24 -11.06
C GLY A 399 -20.36 5.70 -11.70
N SER A 400 -19.96 4.46 -11.44
CA SER A 400 -18.68 3.92 -11.87
C SER A 400 -18.79 3.45 -13.32
N PRO A 401 -17.68 3.53 -14.10
CA PRO A 401 -17.70 3.13 -15.51
C PRO A 401 -17.70 1.62 -15.67
N THR A 402 -17.27 0.92 -14.60
CA THR A 402 -17.30 -0.53 -14.54
C THR A 402 -18.05 -0.98 -13.29
N PRO A 403 -18.89 -2.02 -13.35
CA PRO A 403 -19.65 -2.46 -12.17
C PRO A 403 -18.78 -3.23 -11.19
N VAL A 404 -19.33 -3.40 -10.00
CA VAL A 404 -18.62 -4.11 -8.92
C VAL A 404 -19.33 -5.39 -8.53
N LEU A 405 -20.60 -5.29 -8.15
CA LEU A 405 -21.32 -6.45 -7.66
C LEU A 405 -21.75 -7.38 -8.77
N HIS A 406 -21.88 -8.65 -8.41
CA HIS A 406 -22.48 -9.66 -9.27
C HIS A 406 -23.01 -10.78 -8.39
N VAL A 407 -23.71 -11.76 -8.98
CA VAL A 407 -24.38 -12.78 -8.19
C VAL A 407 -23.40 -13.61 -7.36
N GLY A 408 -22.11 -13.66 -7.76
CA GLY A 408 -21.14 -14.38 -6.97
C GLY A 408 -20.93 -13.78 -5.61
N TRP A 409 -21.25 -12.49 -5.43
CA TRP A 409 -21.21 -11.85 -4.13
C TRP A 409 -22.47 -12.21 -3.33
N ALA A 410 -23.58 -12.52 -4.04
CA ALA A 410 -24.86 -12.57 -3.34
C ALA A 410 -24.96 -13.76 -2.42
N THR A 411 -24.38 -14.90 -2.79
CA THR A 411 -24.42 -16.07 -1.96
C THR A 411 -23.78 -15.80 -0.61
N PHE A 412 -22.64 -15.14 -0.62
CA PHE A 412 -21.91 -14.85 0.60
C PHE A 412 -22.64 -13.81 1.47
N LEU A 413 -23.25 -12.79 0.86
CA LEU A 413 -24.06 -11.84 1.58
C LEU A 413 -25.19 -12.57 2.34
N VAL A 414 -25.93 -13.41 1.64
CA VAL A 414 -27.05 -14.14 2.27
C VAL A 414 -26.56 -14.98 3.45
N GLN A 415 -25.46 -15.67 3.23
CA GLN A 415 -24.86 -16.52 4.27
C GLN A 415 -24.43 -15.67 5.48
N SER A 416 -23.78 -14.54 5.25
CA SER A 416 -23.28 -13.73 6.34
C SER A 416 -24.42 -13.09 7.14
N LEU A 417 -25.45 -12.60 6.43
CA LEU A 417 -26.63 -12.06 7.08
C LEU A 417 -27.25 -13.10 8.00
N GLY A 418 -27.35 -14.32 7.50
CA GLY A 418 -27.97 -15.43 8.23
C GLY A 418 -27.21 -15.87 9.49
N ARG A 419 -25.96 -15.45 9.65
CA ARG A 419 -25.18 -15.76 10.84
C ARG A 419 -25.68 -14.99 12.06
N PHE A 420 -26.41 -13.89 11.84
CA PHE A 420 -27.07 -13.16 12.90
C PHE A 420 -28.52 -13.58 12.98
N GLU A 421 -29.02 -13.91 14.19
CA GLU A 421 -30.42 -14.26 14.36
C GLU A 421 -31.30 -13.05 14.07
N GLY A 422 -32.53 -13.29 13.63
CA GLY A 422 -33.53 -12.28 13.38
C GLY A 422 -33.69 -11.30 14.52
N GLN A 423 -33.68 -11.77 15.78
CA GLN A 423 -33.84 -10.92 16.94
C GLN A 423 -32.70 -9.94 17.11
N VAL A 424 -31.52 -10.30 16.61
CA VAL A 424 -30.41 -9.37 16.65
C VAL A 424 -30.52 -8.36 15.49
N ARG A 425 -30.83 -8.86 14.31
CA ARG A 425 -30.95 -8.03 13.11
C ARG A 425 -32.06 -6.99 13.25
N GLN A 426 -33.16 -7.36 13.91
CA GLN A 426 -34.27 -6.43 14.14
C GLN A 426 -33.90 -5.21 14.96
N LYS A 427 -32.86 -5.28 15.81
N LYS A 427 -32.83 -5.27 15.76
CA LYS A 427 -32.54 -4.15 16.67
CA LYS A 427 -32.47 -4.20 16.66
C LYS A 427 -32.00 -2.97 15.87
C LYS A 427 -31.70 -3.07 16.01
N VAL A 428 -31.37 -3.19 14.72
CA VAL A 428 -30.80 -2.06 13.97
C VAL A 428 -31.91 -1.26 13.31
N ARG A 429 -32.00 0.04 13.60
CA ARG A 429 -32.95 0.93 12.95
C ARG A 429 -32.20 1.60 11.78
N ILE A 430 -32.78 1.39 10.61
CA ILE A 430 -32.28 1.95 9.37
C ILE A 430 -33.08 3.22 9.13
N VAL A 431 -32.39 4.35 9.30
CA VAL A 431 -33.00 5.67 9.20
C VAL A 431 -32.53 6.37 7.93
N SER A 432 -33.45 7.14 7.35
CA SER A 432 -33.22 7.88 6.12
C SER A 432 -32.68 9.27 6.45
N VAL A 433 -32.05 9.94 5.47
CA VAL A 433 -31.53 11.30 5.66
C VAL A 433 -32.57 12.30 5.13
N PRO A 445 -29.23 1.03 18.28
CA PRO A 445 -28.32 0.94 17.13
C PRO A 445 -29.01 1.55 15.90
N VAL A 446 -28.34 2.49 15.26
CA VAL A 446 -28.96 3.23 14.17
C VAL A 446 -27.98 3.30 13.01
N LEU A 447 -28.48 3.19 11.79
CA LEU A 447 -27.63 3.17 10.61
C LEU A 447 -28.33 3.94 9.51
N THR A 448 -27.58 4.76 8.74
CA THR A 448 -28.09 5.41 7.56
C THR A 448 -27.37 4.79 6.36
N PHE A 449 -28.12 4.43 5.33
CA PHE A 449 -27.53 3.95 4.09
C PHE A 449 -27.30 5.07 3.09
N GLN A 450 -26.18 5.03 2.41
CA GLN A 450 -25.83 5.96 1.34
C GLN A 450 -26.23 5.38 -0.01
N SER A 451 -26.20 4.04 -0.14
CA SER A 451 -26.47 3.43 -1.43
C SER A 451 -27.94 3.15 -1.68
N GLU A 452 -28.35 3.28 -2.94
CA GLU A 452 -29.74 2.90 -3.26
C GLU A 452 -29.97 1.37 -3.19
N LYS A 453 -28.94 0.55 -3.48
CA LYS A 453 -29.09 -0.89 -3.34
C LYS A 453 -29.44 -1.26 -1.91
N MET A 454 -28.70 -0.73 -0.92
CA MET A 454 -29.02 -1.14 0.45
C MET A 454 -30.33 -0.56 0.96
N LYS A 455 -30.66 0.69 0.56
CA LYS A 455 -31.96 1.24 0.97
C LYS A 455 -33.10 0.33 0.52
N GLY A 456 -32.98 -0.24 -0.67
CA GLY A 456 -34.07 -1.11 -1.15
C GLY A 456 -34.05 -2.46 -0.45
N MET A 457 -32.96 -2.79 0.21
N MET A 457 -32.94 -2.81 0.19
CA MET A 457 -32.83 -4.08 0.84
CA MET A 457 -32.76 -4.08 0.91
C MET A 457 -33.29 -4.06 2.29
C MET A 457 -33.35 -4.07 2.31
N LYS A 458 -33.65 -2.87 2.82
CA LYS A 458 -33.92 -2.68 4.22
C LYS A 458 -34.94 -3.67 4.77
N GLU A 459 -36.10 -3.83 4.13
CA GLU A 459 -37.08 -4.71 4.76
C GLU A 459 -36.63 -6.16 4.74
N LEU A 460 -35.85 -6.55 3.75
CA LEU A 460 -35.36 -7.93 3.67
C LEU A 460 -34.39 -8.25 4.82
N LEU A 461 -33.80 -7.22 5.43
CA LEU A 461 -32.73 -7.49 6.40
C LEU A 461 -33.20 -7.92 7.78
N VAL A 462 -34.53 -7.87 8.11
CA VAL A 462 -35.06 -8.22 9.43
C VAL A 462 -35.96 -9.46 9.47
N ALA A 463 -36.27 -10.09 8.33
CA ALA A 463 -37.07 -11.31 8.36
C ALA A 463 -36.34 -12.44 9.08
N THR A 464 -37.10 -13.36 9.72
CA THR A 464 -36.50 -14.41 10.51
C THR A 464 -35.67 -15.30 9.59
N LYS A 465 -36.26 -15.62 8.43
CA LYS A 465 -35.55 -16.38 7.41
C LYS A 465 -35.36 -15.40 6.28
N ILE A 466 -34.08 -15.11 6.03
CA ILE A 466 -33.63 -14.28 4.92
C ILE A 466 -34.18 -14.80 3.59
N ASN A 467 -34.76 -13.90 2.78
CA ASN A 467 -35.23 -14.27 1.45
C ASN A 467 -34.07 -14.20 0.47
N SER A 468 -33.38 -15.31 0.22
CA SER A 468 -32.20 -15.37 -0.60
C SER A 468 -32.42 -14.83 -2.02
N SER A 469 -33.53 -15.25 -2.65
N SER A 469 -33.52 -15.27 -2.65
CA SER A 469 -33.77 -14.86 -4.02
CA SER A 469 -33.79 -14.87 -4.01
C SER A 469 -34.00 -13.35 -4.12
C SER A 469 -33.97 -13.35 -4.10
N ALA A 470 -34.75 -12.79 -3.18
CA ALA A 470 -35.00 -11.35 -3.21
C ALA A 470 -33.71 -10.56 -2.97
N ILE A 471 -32.87 -11.03 -2.05
CA ILE A 471 -31.57 -10.36 -1.79
C ILE A 471 -30.72 -10.39 -3.05
N LYS A 472 -30.61 -11.54 -3.72
CA LYS A 472 -29.85 -11.61 -4.94
C LYS A 472 -30.37 -10.57 -5.94
N LEU A 473 -31.71 -10.49 -6.13
CA LEU A 473 -32.26 -9.54 -7.08
C LEU A 473 -31.85 -8.11 -6.71
N GLN A 474 -31.91 -7.78 -5.44
CA GLN A 474 -31.63 -6.40 -5.00
C GLN A 474 -30.15 -6.06 -5.08
N LEU A 475 -29.27 -7.03 -4.83
CA LEU A 475 -27.82 -6.76 -4.87
C LEU A 475 -27.28 -6.62 -6.28
N THR A 476 -27.92 -7.27 -7.26
CA THR A 476 -27.38 -7.38 -8.60
C THR A 476 -28.23 -6.67 -9.65
N ALA A 477 -27.66 -6.62 -10.87
CA ALA A 477 -28.34 -6.05 -12.05
C ALA A 477 -29.54 -6.89 -12.51
N GLN A 478 -29.50 -8.20 -12.23
CA GLN A 478 -30.61 -9.10 -12.49
C GLN A 478 -31.91 -8.54 -11.92
N SER A 479 -32.97 -8.54 -12.77
CA SER A 479 -34.30 -8.04 -12.42
C SER A 479 -35.43 -9.03 -12.70
N GLN A 480 -35.10 -10.14 -13.39
CA GLN A 480 -36.03 -11.22 -13.70
C GLN A 480 -35.60 -12.53 -13.05
N VAL A 481 -36.56 -13.42 -12.82
CA VAL A 481 -36.27 -14.77 -12.33
C VAL A 481 -36.53 -15.76 -13.47
N GLN A 482 -36.03 -16.99 -13.34
CA GLN A 482 -35.93 -17.94 -14.45
C GLN A 482 -37.32 -18.23 -15.03
N MET A 483 -37.37 -18.45 -16.35
CA MET A 483 -38.60 -18.51 -17.13
C MET A 483 -39.48 -19.69 -16.69
N LYS A 484 -38.97 -20.92 -16.82
CA LYS A 484 -39.75 -22.12 -16.52
C LYS A 484 -39.72 -22.43 -15.01
C1 PEG B . 7.04 -4.45 -18.25
O1 PEG B . 5.81 -4.43 -18.94
C2 PEG B . 8.02 -3.50 -18.81
O2 PEG B . 9.24 -4.18 -19.10
C3 PEG B . 10.38 -3.34 -19.17
C4 PEG B . 11.26 -3.74 -20.31
O4 PEG B . 11.61 -5.10 -20.28
H11 PEG B . 7.40 -5.35 -18.30
H12 PEG B . 6.88 -4.23 -17.32
HO1 PEG B . 5.29 -4.99 -18.60
H21 PEG B . 8.20 -2.78 -18.16
H22 PEG B . 7.68 -3.09 -19.63
H31 PEG B . 10.88 -3.40 -18.33
H32 PEG B . 10.09 -2.41 -19.29
H41 PEG B . 12.07 -3.20 -20.29
H42 PEG B . 10.79 -3.54 -21.16
HO4 PEG B . 12.09 -5.27 -20.97
S SO4 C . 13.56 -14.19 -14.45
O1 SO4 C . 12.51 -13.48 -13.76
O2 SO4 C . 13.78 -15.45 -13.78
O3 SO4 C . 13.18 -14.43 -15.82
O4 SO4 C . 14.77 -13.41 -14.44
O1 PG4 D . 18.05 17.60 10.70
C1 PG4 D . 17.31 18.35 9.73
C2 PG4 D . 15.84 18.44 10.05
O2 PG4 D . 15.27 17.15 10.22
C3 PG4 D . 14.15 16.86 9.37
C4 PG4 D . 13.06 17.95 9.36
O3 PG4 D . 11.80 17.40 9.81
C5 PG4 D . 10.89 17.06 8.75
C6 PG4 D . 10.18 18.27 8.20
O4 PG4 D . 9.50 17.87 7.01
C7 PG4 D . 8.58 18.82 6.47
C8 PG4 D . 7.45 19.19 7.45
O5 PG4 D . 6.84 20.45 7.09
HO1 PG4 D . 18.87 17.57 10.48
H11 PG4 D . 17.42 17.93 8.85
H12 PG4 D . 17.69 19.25 9.68
H21 PG4 D . 15.39 18.92 9.32
H22 PG4 D . 15.73 18.97 10.87
H31 PG4 D . 13.75 16.02 9.66
H32 PG4 D . 14.47 16.74 8.46
H41 PG4 D . 12.96 18.32 8.46
H42 PG4 D . 13.31 18.69 9.97
H51 PG4 D . 10.22 16.43 9.09
H52 PG4 D . 11.39 16.62 8.03
H61 PG4 D . 10.82 18.98 7.99
H62 PG4 D . 9.54 18.61 8.87
H71 PG4 D . 8.18 18.46 5.65
H72 PG4 D . 9.07 19.64 6.23
H81 PG4 D . 7.80 19.24 8.36
H82 PG4 D . 6.77 18.48 7.43
HO5 PG4 D . 6.24 20.64 7.63
O1 PG4 E . 20.13 -19.99 13.51
C1 PG4 E . 20.70 -19.49 14.74
C2 PG4 E . 21.21 -18.05 14.61
O2 PG4 E . 22.37 -18.01 13.79
C3 PG4 E . 22.74 -16.73 13.26
C4 PG4 E . 22.77 -16.88 11.75
O3 PG4 E . 24.06 -17.24 11.31
C5 PG4 E . 24.34 -17.09 9.93
C6 PG4 E . 23.94 -18.29 9.13
O4 PG4 E . 24.00 -19.46 9.92
C7 PG4 E . 23.61 -20.64 9.22
C8 PG4 E . 24.51 -21.77 9.60
O5 PG4 E . 23.81 -22.88 10.10
HO1 PG4 E . 19.86 -20.78 13.64
H11 PG4 E . 21.45 -20.07 15.00
H12 PG4 E . 20.03 -19.53 15.45
H21 PG4 E . 21.42 -17.70 15.51
H22 PG4 E . 20.50 -17.49 14.22
H31 PG4 E . 23.64 -16.48 13.59
H32 PG4 E . 22.10 -16.04 13.53
H41 PG4 E . 22.49 -16.04 11.33
H42 PG4 E . 22.13 -17.58 11.48
H51 PG4 E . 25.30 -16.94 9.82
H52 PG4 E . 23.87 -16.29 9.58
H61 PG4 E . 24.53 -18.38 8.36
H62 PG4 E . 23.02 -18.17 8.80
H71 PG4 E . 23.67 -20.48 8.26
H72 PG4 E . 22.69 -20.87 9.44
H81 PG4 E . 25.15 -21.47 10.28
H82 PG4 E . 25.02 -22.05 8.80
HO5 PG4 E . 24.37 -23.51 10.29
S SO4 F . -15.99 -11.20 19.01
O1 SO4 F . -16.10 -9.82 18.48
O2 SO4 F . -14.84 -11.80 18.36
O3 SO4 F . -15.80 -11.10 20.45
O4 SO4 F . -17.16 -12.12 18.72
C1 EDO G . -18.29 -7.21 -12.09
O1 EDO G . -17.50 -7.21 -10.90
C2 EDO G . -19.72 -6.87 -11.93
O2 EDO G . -20.44 -7.27 -13.09
H11 EDO G . -18.23 -8.10 -12.49
H12 EDO G . -17.89 -6.58 -12.72
HO1 EDO G . -16.70 -7.41 -11.09
H21 EDO G . -19.81 -5.91 -11.80
H22 EDO G . -20.06 -7.33 -11.15
HO2 EDO G . -21.26 -7.09 -12.98
#